data_8XG2
#
_entry.id   8XG2
#
_cell.length_a   60.265
_cell.length_b   66.795
_cell.length_c   116.823
_cell.angle_alpha   90.000
_cell.angle_beta   90.000
_cell.angle_gamma   90.000
#
_symmetry.space_group_name_H-M   'P 21 21 21'
#
loop_
_entity.id
_entity.type
_entity.pdbx_description
1 polymer 'HLA class I heavy chain'
2 polymer Beta-2-microglobulin
3 polymer 'Spike protein S1'
4 water water
#
loop_
_entity_poly.entity_id
_entity_poly.type
_entity_poly.pdbx_seq_one_letter_code
_entity_poly.pdbx_strand_id
1 'polypeptide(L)'
;GSHSMRYFYTSVSRPGRGEPRFIAVGYVDDTQFVRFDSDAASQRMEPRAPWIEQEGPEYWDRNTRNVKAHSQTDRANLGT
LRGYYNQSEDGSHTIQRMYGCDVGPDGRFLRGYQQDAYDGKDYIALNEDLRSWTAADMAAQITQRKWETAHEAEQWRAYL
EGRCVEWLRRYLENGKETLQRTDAPKTHMTHHAVSDHEATLRCWALSFYPAEITLTWQRDGEDQTQDTELVETRPAGDGT
FQKWASVVVPSGQEQRYTCHVQHEGLPKPLTLRW
;
A
2 'polypeptide(L)'
;IQRTPKIQVYSRHPAENGKSNFLNCYVSGFHPSDIEVDLLKNGERIEKVEHSDLSFSKDWSFYLLYYTEFTPTEKDEYAC
RVNHVTLSQPKIVKWDRDM
;
B
3 'polypeptide(L)' EVFNATRFASVY C
#
# COMPACT_ATOMS: atom_id res chain seq x y z
N GLY A 1 16.63 12.62 -0.21
CA GLY A 1 15.60 13.54 -0.65
C GLY A 1 14.64 13.89 0.46
N SER A 2 13.37 14.07 0.11
CA SER A 2 12.34 14.24 1.12
C SER A 2 11.92 12.87 1.67
N HIS A 3 11.36 12.88 2.88
CA HIS A 3 10.88 11.64 3.45
C HIS A 3 9.53 11.86 4.12
N SER A 4 8.85 10.75 4.39
CA SER A 4 7.51 10.80 4.96
C SER A 4 7.38 9.70 6.00
N MET A 5 6.53 9.96 6.99
CA MET A 5 6.03 8.94 7.89
C MET A 5 4.51 8.94 7.82
N ARG A 6 3.90 7.74 7.78
CA ARG A 6 2.46 7.61 7.68
C ARG A 6 1.97 6.45 8.50
N TYR A 7 0.83 6.64 9.17
CA TYR A 7 0.08 5.55 9.77
C TYR A 7 -1.24 5.40 9.04
N PHE A 8 -1.64 4.14 8.85
CA PHE A 8 -2.88 3.80 8.18
C PHE A 8 -3.69 2.90 9.10
N TYR A 9 -4.89 3.35 9.48
CA TYR A 9 -5.78 2.59 10.37
C TYR A 9 -7.03 2.18 9.61
N THR A 10 -7.48 0.93 9.82
CA THR A 10 -8.71 0.40 9.24
C THR A 10 -9.52 -0.28 10.34
N SER A 11 -10.74 0.18 10.54
CA SER A 11 -11.70 -0.50 11.42
C SER A 11 -12.88 -0.97 10.60
N VAL A 12 -13.28 -2.21 10.82
CA VAL A 12 -14.40 -2.80 10.08
C VAL A 12 -15.35 -3.42 11.10
N SER A 13 -16.61 -2.98 11.07
CA SER A 13 -17.62 -3.61 11.90
C SER A 13 -18.01 -4.95 11.29
N ARG A 14 -18.28 -5.91 12.16
CA ARG A 14 -18.54 -7.29 11.77
C ARG A 14 -19.84 -7.71 12.47
N PRO A 15 -20.97 -7.18 12.01
CA PRO A 15 -22.23 -7.38 12.76
C PRO A 15 -22.66 -8.84 12.74
N GLY A 16 -23.00 -9.35 13.91
CA GLY A 16 -23.24 -10.77 14.14
C GLY A 16 -21.96 -11.55 14.33
N ARG A 17 -20.92 -11.19 13.57
CA ARG A 17 -19.59 -11.78 13.63
C ARG A 17 -18.83 -11.44 14.90
N GLY A 18 -19.31 -10.50 15.72
CA GLY A 18 -18.63 -10.11 16.94
C GLY A 18 -18.24 -8.65 16.90
N GLU A 19 -17.07 -8.35 17.48
CA GLU A 19 -16.60 -6.98 17.68
C GLU A 19 -15.74 -6.51 16.52
N PRO A 20 -15.65 -5.20 16.30
CA PRO A 20 -14.96 -4.69 15.11
C PRO A 20 -13.49 -5.05 15.09
N ARG A 21 -12.95 -5.23 13.89
CA ARG A 21 -11.53 -5.51 13.74
C ARG A 21 -10.79 -4.21 13.44
N PHE A 22 -9.65 -4.01 14.10
CA PHE A 22 -8.82 -2.84 13.89
C PHE A 22 -7.44 -3.27 13.43
N ILE A 23 -6.93 -2.64 12.38
CA ILE A 23 -5.59 -2.91 11.88
C ILE A 23 -4.89 -1.58 11.70
N ALA A 24 -3.68 -1.47 12.27
CA ALA A 24 -2.84 -0.29 12.08
C ALA A 24 -1.51 -0.70 11.48
N VAL A 25 -1.02 0.08 10.50
CA VAL A 25 0.31 -0.12 9.96
C VAL A 25 1.02 1.22 9.88
N GLY A 26 2.32 1.21 10.17
CA GLY A 26 3.16 2.39 10.05
C GLY A 26 4.23 2.19 8.98
N TYR A 27 4.52 3.28 8.25
CA TYR A 27 5.45 3.32 7.13
C TYR A 27 6.38 4.51 7.27
N VAL A 28 7.65 4.32 6.90
CA VAL A 28 8.55 5.42 6.56
C VAL A 28 8.85 5.28 5.07
N ASP A 29 8.54 6.31 4.29
CA ASP A 29 8.63 6.21 2.81
C ASP A 29 7.88 4.95 2.41
N ASP A 30 8.47 4.06 1.59
CA ASP A 30 7.79 2.86 1.14
C ASP A 30 8.15 1.63 1.96
N THR A 31 8.61 1.84 3.21
CA THR A 31 9.04 0.75 4.09
C THR A 31 8.13 0.65 5.30
N GLN A 32 7.43 -0.47 5.45
CA GLN A 32 6.62 -0.66 6.65
C GLN A 32 7.51 -0.96 7.84
N PHE A 33 7.14 -0.46 9.02
CA PHE A 33 7.96 -0.73 10.19
C PHE A 33 7.21 -1.16 11.44
N VAL A 34 5.89 -0.95 11.56
CA VAL A 34 5.14 -1.48 12.70
C VAL A 34 3.77 -1.94 12.22
N ARG A 35 3.12 -2.73 13.06
CA ARG A 35 1.73 -3.14 12.86
C ARG A 35 1.07 -3.37 14.20
N PHE A 36 -0.26 -3.21 14.20
CA PHE A 36 -1.09 -3.63 15.31
C PHE A 36 -2.37 -4.24 14.75
N ASP A 37 -2.75 -5.40 15.26
CA ASP A 37 -3.94 -6.16 14.83
C ASP A 37 -4.79 -6.49 16.04
N SER A 38 -5.99 -5.91 16.13
CA SER A 38 -6.88 -6.13 17.27
C SER A 38 -7.28 -7.60 17.43
N ASP A 39 -7.16 -8.40 16.38
CA ASP A 39 -7.47 -9.83 16.44
C ASP A 39 -6.27 -10.69 16.82
N ALA A 40 -5.05 -10.16 16.78
CA ALA A 40 -3.90 -11.01 17.00
C ALA A 40 -3.74 -11.33 18.48
N ALA A 41 -2.91 -12.34 18.76
CA ALA A 41 -2.78 -12.82 20.12
C ALA A 41 -1.96 -11.88 20.99
N SER A 42 -0.93 -11.25 20.41
CA SER A 42 0.02 -10.49 21.22
C SER A 42 -0.64 -9.29 21.89
N GLN A 43 -1.60 -8.66 21.22
CA GLN A 43 -2.18 -7.38 21.68
C GLN A 43 -1.09 -6.33 21.92
N ARG A 44 -0.03 -6.38 21.13
CA ARG A 44 1.03 -5.39 21.16
C ARG A 44 1.23 -4.79 19.78
N MET A 45 1.75 -3.57 19.76
CA MET A 45 2.38 -3.07 18.55
C MET A 45 3.65 -3.88 18.30
N GLU A 46 3.84 -4.29 17.06
CA GLU A 46 4.85 -5.26 16.64
C GLU A 46 5.80 -4.67 15.61
N PRO A 47 7.08 -5.02 15.67
CA PRO A 47 8.04 -4.50 14.69
C PRO A 47 7.90 -5.23 13.35
N ARG A 48 8.11 -4.49 12.26
CA ARG A 48 8.08 -5.07 10.92
C ARG A 48 9.28 -4.65 10.07
N ALA A 49 10.24 -3.95 10.65
CA ALA A 49 11.50 -3.58 10.03
C ALA A 49 12.61 -3.75 11.06
N PRO A 50 13.84 -4.04 10.62
CA PRO A 50 14.89 -4.34 11.61
C PRO A 50 15.29 -3.15 12.46
N TRP A 51 15.33 -1.95 11.88
CA TRP A 51 15.81 -0.78 12.59
C TRP A 51 14.87 -0.31 13.69
N ILE A 52 13.59 -0.70 13.66
CA ILE A 52 12.71 -0.26 14.74
C ILE A 52 12.92 -1.08 16.00
N GLU A 53 13.56 -2.25 15.88
CA GLU A 53 13.80 -3.11 17.02
C GLU A 53 14.85 -2.56 17.97
N GLN A 54 15.61 -1.55 17.56
CA GLN A 54 16.48 -0.93 18.55
C GLN A 54 15.74 0.05 19.45
N GLU A 55 14.43 0.23 19.27
CA GLU A 55 13.65 0.96 20.28
C GLU A 55 13.47 0.10 21.52
N GLY A 56 13.53 0.74 22.69
CA GLY A 56 13.48 0.05 23.95
C GLY A 56 12.06 -0.23 24.41
N PRO A 57 11.95 -0.86 25.58
CA PRO A 57 10.62 -1.34 26.01
C PRO A 57 9.60 -0.25 26.26
N GLU A 58 10.03 0.94 26.74
CA GLU A 58 9.09 2.04 26.94
C GLU A 58 8.43 2.46 25.64
N TYR A 59 9.19 2.50 24.56
CA TYR A 59 8.62 2.82 23.24
C TYR A 59 7.47 1.87 22.91
N TRP A 60 7.69 0.56 23.08
CA TRP A 60 6.67 -0.42 22.71
C TRP A 60 5.47 -0.35 23.65
N ASP A 61 5.70 -0.13 24.94
CA ASP A 61 4.57 0.05 25.86
C ASP A 61 3.74 1.27 25.48
N ARG A 62 4.40 2.39 25.20
CA ARG A 62 3.68 3.63 24.93
C ARG A 62 2.93 3.53 23.61
N ASN A 63 3.59 3.03 22.56
CA ASN A 63 2.90 2.93 21.27
C ASN A 63 1.78 1.91 21.31
N THR A 64 1.92 0.85 22.11
CA THR A 64 0.83 -0.11 22.28
C THR A 64 -0.36 0.54 22.97
N ARG A 65 -0.13 1.27 24.08
CA ARG A 65 -1.22 1.93 24.78
C ARG A 65 -1.94 2.91 23.86
N ASN A 66 -1.18 3.74 23.15
CA ASN A 66 -1.84 4.78 22.36
C ASN A 66 -2.57 4.19 21.16
N VAL A 67 -1.99 3.18 20.50
CA VAL A 67 -2.72 2.63 19.35
C VAL A 67 -3.95 1.86 19.81
N LYS A 68 -3.88 1.20 20.97
CA LYS A 68 -5.09 0.57 21.51
C LYS A 68 -6.16 1.61 21.79
N ALA A 69 -5.78 2.75 22.36
CA ALA A 69 -6.75 3.81 22.63
C ALA A 69 -7.40 4.29 21.33
N HIS A 70 -6.61 4.47 20.28
CA HIS A 70 -7.17 4.81 18.97
C HIS A 70 -8.16 3.76 18.48
N SER A 71 -7.84 2.47 18.65
CA SER A 71 -8.74 1.42 18.21
C SER A 71 -10.06 1.49 18.95
N GLN A 72 -10.03 1.80 20.25
CA GLN A 72 -11.26 1.86 21.04
C GLN A 72 -12.14 3.01 20.57
N THR A 73 -11.55 4.16 20.27
CA THR A 73 -12.30 5.31 19.76
C THR A 73 -12.91 5.01 18.40
N ASP A 74 -12.16 4.37 17.49
CA ASP A 74 -12.78 4.02 16.22
C ASP A 74 -13.91 3.01 16.39
N ARG A 75 -13.83 2.12 17.39
CA ARG A 75 -14.97 1.25 17.70
C ARG A 75 -16.19 2.08 18.06
N ALA A 76 -16.02 3.03 18.99
CA ALA A 76 -17.09 3.97 19.30
C ALA A 76 -17.61 4.63 18.04
N ASN A 77 -16.69 5.12 17.19
CA ASN A 77 -17.09 5.92 16.04
C ASN A 77 -17.89 5.14 15.00
N LEU A 78 -17.73 3.81 14.94
CA LEU A 78 -18.55 3.03 14.01
C LEU A 78 -20.03 3.11 14.40
N GLY A 79 -20.34 2.98 15.68
CA GLY A 79 -21.72 3.12 16.12
C GLY A 79 -22.24 4.53 15.90
N THR A 80 -21.39 5.54 16.14
CA THR A 80 -21.81 6.93 15.99
C THR A 80 -22.21 7.24 14.56
N LEU A 81 -21.43 6.74 13.59
CA LEU A 81 -21.66 7.11 12.20
C LEU A 81 -22.89 6.41 11.64
N ARG A 82 -23.14 5.18 12.06
CA ARG A 82 -24.35 4.49 11.62
C ARG A 82 -25.59 5.25 12.09
N GLY A 83 -25.53 5.86 13.29
CA GLY A 83 -26.60 6.77 13.70
C GLY A 83 -26.69 8.02 12.83
N TYR A 84 -25.56 8.70 12.62
CA TYR A 84 -25.53 9.90 11.78
C TYR A 84 -26.10 9.67 10.39
N TYR A 85 -25.90 8.48 9.83
CA TYR A 85 -26.33 8.16 8.48
C TYR A 85 -27.59 7.30 8.45
N ASN A 86 -28.22 7.11 9.61
CA ASN A 86 -29.47 6.35 9.72
C ASN A 86 -29.34 4.98 9.04
N GLN A 87 -28.28 4.26 9.40
CA GLN A 87 -28.05 2.94 8.84
C GLN A 87 -28.42 1.87 9.85
N SER A 88 -28.71 0.68 9.34
CA SER A 88 -29.14 -0.41 10.19
C SER A 88 -27.95 -1.09 10.86
N GLU A 89 -28.25 -1.83 11.93
CA GLU A 89 -27.29 -2.63 12.68
C GLU A 89 -26.78 -3.83 11.88
N ASP A 90 -27.29 -4.04 10.67
CA ASP A 90 -27.08 -5.29 9.95
C ASP A 90 -25.82 -5.30 9.10
N GLY A 91 -25.51 -4.19 8.42
CA GLY A 91 -24.43 -4.19 7.46
C GLY A 91 -23.06 -3.89 8.07
N SER A 92 -22.04 -4.32 7.35
CA SER A 92 -20.65 -4.03 7.72
C SER A 92 -20.23 -2.69 7.15
N HIS A 93 -19.47 -1.93 7.96
CA HIS A 93 -19.01 -0.60 7.56
C HIS A 93 -17.54 -0.44 7.96
N THR A 94 -16.88 0.55 7.35
CA THR A 94 -15.43 0.73 7.38
C THR A 94 -15.07 2.17 7.71
N ILE A 95 -14.20 2.37 8.72
CA ILE A 95 -13.54 3.64 8.94
C ILE A 95 -12.07 3.48 8.60
N GLN A 96 -11.55 4.37 7.76
CA GLN A 96 -10.14 4.42 7.48
C GLN A 96 -9.58 5.78 7.89
N ARG A 97 -8.39 5.77 8.47
CA ARG A 97 -7.72 6.98 8.87
C ARG A 97 -6.27 6.92 8.40
N MET A 98 -5.79 8.02 7.82
CA MET A 98 -4.39 8.19 7.49
C MET A 98 -3.87 9.47 8.15
N TYR A 99 -2.66 9.43 8.68
CA TYR A 99 -2.03 10.65 9.19
C TYR A 99 -0.52 10.50 9.11
N GLY A 100 0.17 11.62 9.09
CA GLY A 100 1.62 11.60 9.06
C GLY A 100 2.18 12.95 8.66
N CYS A 101 3.48 12.94 8.40
CA CYS A 101 4.22 14.17 8.13
C CYS A 101 5.27 13.92 7.06
N ASP A 102 5.60 14.98 6.31
CA ASP A 102 6.73 15.00 5.39
C ASP A 102 7.82 15.93 5.91
N VAL A 103 9.06 15.55 5.68
CA VAL A 103 10.21 16.39 5.94
C VAL A 103 10.99 16.57 4.64
N GLY A 104 11.72 17.69 4.54
CA GLY A 104 12.62 17.92 3.43
C GLY A 104 13.96 17.25 3.66
N PRO A 105 14.85 17.41 2.67
CA PRO A 105 16.14 16.71 2.75
C PRO A 105 17.04 17.17 3.88
N ASP A 106 16.90 18.41 4.37
CA ASP A 106 17.61 18.83 5.56
C ASP A 106 16.88 18.48 6.85
N GLY A 107 15.80 17.72 6.75
CA GLY A 107 15.09 17.23 7.91
C GLY A 107 14.00 18.13 8.44
N ARG A 108 13.74 19.28 7.81
CA ARG A 108 12.79 20.21 8.38
C ARG A 108 11.37 19.88 7.93
N PHE A 109 10.41 20.23 8.79
CA PHE A 109 9.01 19.97 8.54
C PHE A 109 8.55 20.61 7.23
N LEU A 110 7.77 19.85 6.47
CA LEU A 110 7.24 20.30 5.19
C LEU A 110 5.72 20.38 5.21
N ARG A 111 5.04 19.36 5.71
CA ARG A 111 3.59 19.40 5.82
C ARG A 111 3.11 18.22 6.65
N GLY A 112 1.86 18.34 7.12
CA GLY A 112 1.26 17.32 7.95
C GLY A 112 -0.11 16.98 7.42
N TYR A 113 -0.58 15.79 7.79
CA TYR A 113 -1.77 15.20 7.21
C TYR A 113 -2.60 14.49 8.27
N GLN A 114 -3.91 14.60 8.14
CA GLN A 114 -4.84 13.76 8.86
C GLN A 114 -6.12 13.73 8.03
N GLN A 115 -6.56 12.54 7.64
CA GLN A 115 -7.80 12.42 6.88
C GLN A 115 -8.48 11.11 7.20
N ASP A 116 -9.81 11.17 7.33
CA ASP A 116 -10.62 10.00 7.63
C ASP A 116 -11.64 9.76 6.52
N ALA A 117 -11.94 8.49 6.28
CA ALA A 117 -12.95 8.06 5.31
C ALA A 117 -13.91 7.09 5.98
N TYR A 118 -15.18 7.17 5.58
CA TYR A 118 -16.20 6.23 6.00
C TYR A 118 -16.75 5.51 4.78
N ASP A 119 -16.70 4.19 4.80
CA ASP A 119 -17.15 3.36 3.68
C ASP A 119 -16.51 3.81 2.36
N GLY A 120 -15.25 4.22 2.43
CA GLY A 120 -14.47 4.52 1.24
C GLY A 120 -14.59 5.94 0.71
N LYS A 121 -15.38 6.79 1.33
CA LYS A 121 -15.50 8.18 0.90
C LYS A 121 -15.01 9.12 1.98
N ASP A 122 -14.41 10.22 1.55
CA ASP A 122 -13.95 11.26 2.46
C ASP A 122 -15.02 11.57 3.49
N TYR A 123 -14.62 11.62 4.76
CA TYR A 123 -15.50 12.02 5.84
C TYR A 123 -15.06 13.37 6.40
N ILE A 124 -13.89 13.44 7.05
CA ILE A 124 -13.37 14.70 7.55
C ILE A 124 -11.86 14.65 7.43
N ALA A 125 -11.27 15.82 7.14
CA ALA A 125 -9.84 15.92 6.91
C ALA A 125 -9.33 17.24 7.47
N LEU A 126 -8.15 17.20 8.08
CA LEU A 126 -7.48 18.40 8.54
C LEU A 126 -6.94 19.18 7.35
N ASN A 127 -7.15 20.50 7.36
CA ASN A 127 -6.64 21.30 6.26
C ASN A 127 -5.14 21.50 6.40
N GLU A 128 -4.51 21.96 5.32
CA GLU A 128 -3.06 22.06 5.30
C GLU A 128 -2.55 23.06 6.34
N ASP A 129 -3.34 24.08 6.67
CA ASP A 129 -2.88 25.02 7.69
C ASP A 129 -2.89 24.42 9.09
N LEU A 130 -3.33 23.17 9.25
CA LEU A 130 -3.34 22.46 10.53
C LEU A 130 -4.13 23.21 11.59
N ARG A 131 -5.10 24.01 11.18
CA ARG A 131 -5.93 24.80 12.08
C ARG A 131 -7.42 24.63 11.85
N SER A 132 -7.84 24.16 10.68
CA SER A 132 -9.26 24.02 10.34
C SER A 132 -9.48 22.68 9.65
N TRP A 133 -10.75 22.32 9.53
CA TRP A 133 -11.19 21.07 8.95
C TRP A 133 -12.00 21.30 7.68
N THR A 134 -12.01 20.27 6.83
CA THR A 134 -12.90 20.17 5.67
C THR A 134 -13.82 18.99 5.93
N ALA A 135 -15.11 19.28 6.10
CA ALA A 135 -16.11 18.24 6.30
C ALA A 135 -16.80 17.97 4.99
N ALA A 136 -17.01 16.70 4.67
CA ALA A 136 -17.50 16.32 3.36
C ALA A 136 -19.01 16.34 3.24
N ASP A 137 -19.74 16.38 4.35
CA ASP A 137 -21.19 16.33 4.32
C ASP A 137 -21.72 16.77 5.68
N MET A 138 -23.05 16.78 5.81
CA MET A 138 -23.69 17.25 7.04
C MET A 138 -23.30 16.39 8.24
N ALA A 139 -23.23 15.07 8.06
CA ALA A 139 -22.82 14.21 9.16
C ALA A 139 -21.44 14.61 9.67
N ALA A 140 -20.49 14.83 8.75
CA ALA A 140 -19.15 15.23 9.14
C ALA A 140 -19.14 16.61 9.77
N GLN A 141 -20.09 17.47 9.38
CA GLN A 141 -20.18 18.79 10.00
C GLN A 141 -20.46 18.68 11.50
N ILE A 142 -21.26 17.68 11.92
CA ILE A 142 -21.47 17.46 13.35
C ILE A 142 -20.14 17.23 14.05
N THR A 143 -19.32 16.32 13.51
CA THR A 143 -18.00 16.06 14.07
C THR A 143 -17.12 17.31 14.05
N GLN A 144 -17.14 18.06 12.93
CA GLN A 144 -16.35 19.28 12.83
C GLN A 144 -16.60 20.22 13.99
N ARG A 145 -17.88 20.46 14.32
CA ARG A 145 -18.18 21.38 15.40
C ARG A 145 -17.69 20.86 16.75
N LYS A 146 -17.78 19.55 17.00
CA LYS A 146 -17.23 19.02 18.24
C LYS A 146 -15.73 19.20 18.31
N TRP A 147 -15.03 19.05 17.18
CA TRP A 147 -13.58 19.15 17.18
C TRP A 147 -13.11 20.59 17.24
N GLU A 148 -13.85 21.52 16.61
CA GLU A 148 -13.49 22.93 16.74
C GLU A 148 -13.68 23.40 18.18
N THR A 149 -14.76 22.96 18.83
CA THR A 149 -14.99 23.32 20.21
C THR A 149 -13.91 22.78 21.12
N ALA A 150 -13.46 21.54 20.90
CA ALA A 150 -12.45 20.91 21.74
C ALA A 150 -11.02 21.31 21.36
N HIS A 151 -10.83 22.21 20.40
CA HIS A 151 -9.50 22.64 19.96
C HIS A 151 -8.64 21.44 19.53
N GLU A 152 -9.26 20.46 18.88
CA GLU A 152 -8.52 19.25 18.52
C GLU A 152 -7.42 19.54 17.52
N ALA A 153 -7.59 20.58 16.70
CA ALA A 153 -6.55 20.94 15.76
C ALA A 153 -5.25 21.33 16.48
N GLU A 154 -5.33 21.85 17.71
CA GLU A 154 -4.11 22.18 18.45
C GLU A 154 -3.30 20.91 18.72
N GLN A 155 -3.97 19.83 19.12
CA GLN A 155 -3.26 18.58 19.40
C GLN A 155 -2.62 18.02 18.13
N TRP A 156 -3.35 18.06 17.02
CA TRP A 156 -2.83 17.50 15.76
C TRP A 156 -1.66 18.33 15.26
N ARG A 157 -1.79 19.66 15.24
CA ARG A 157 -0.68 20.51 14.85
C ARG A 157 0.54 20.29 15.73
N ALA A 158 0.35 20.12 17.04
CA ALA A 158 1.47 19.90 17.94
C ALA A 158 2.20 18.60 17.60
N TYR A 159 1.44 17.53 17.31
CA TYR A 159 2.06 16.24 17.00
C TYR A 159 2.74 16.28 15.64
N LEU A 160 2.04 16.82 14.63
CA LEU A 160 2.54 16.76 13.26
C LEU A 160 3.78 17.61 13.07
N GLU A 161 3.85 18.77 13.74
CA GLU A 161 5.05 19.60 13.68
C GLU A 161 6.08 19.25 14.74
N GLY A 162 5.73 18.44 15.73
CA GLY A 162 6.64 18.10 16.80
C GLY A 162 7.05 16.64 16.77
N ARG A 163 6.32 15.80 17.51
CA ARG A 163 6.74 14.43 17.70
C ARG A 163 6.83 13.68 16.37
N CYS A 164 5.89 13.93 15.46
CA CYS A 164 5.90 13.23 14.17
C CYS A 164 7.23 13.42 13.47
N VAL A 165 7.66 14.66 13.28
CA VAL A 165 8.88 14.88 12.52
C VAL A 165 10.11 14.47 13.33
N GLU A 166 10.07 14.69 14.65
CA GLU A 166 11.23 14.30 15.47
C GLU A 166 11.47 12.80 15.38
N TRP A 167 10.40 12.00 15.47
CA TRP A 167 10.59 10.56 15.38
C TRP A 167 10.90 10.12 13.95
N LEU A 168 10.32 10.78 12.95
CA LEU A 168 10.69 10.48 11.57
C LEU A 168 12.19 10.69 11.36
N ARG A 169 12.72 11.84 11.81
CA ARG A 169 14.17 12.04 11.71
C ARG A 169 14.94 10.96 12.43
N ARG A 170 14.47 10.54 13.60
CA ARG A 170 15.19 9.51 14.35
C ARG A 170 15.21 8.19 13.57
N TYR A 171 14.08 7.84 12.94
CA TYR A 171 14.04 6.58 12.19
C TYR A 171 14.99 6.64 11.00
N LEU A 172 15.03 7.78 10.30
CA LEU A 172 15.93 7.92 9.15
C LEU A 172 17.39 7.73 9.55
N GLU A 173 17.76 8.18 10.76
CA GLU A 173 19.12 7.96 11.27
C GLU A 173 19.33 6.50 11.65
N ASN A 174 18.46 5.97 12.52
CA ASN A 174 18.57 4.58 12.95
C ASN A 174 18.52 3.60 11.78
N GLY A 175 17.74 3.91 10.75
CA GLY A 175 17.62 3.02 9.59
C GLY A 175 18.29 3.55 8.34
N LYS A 176 19.36 4.34 8.51
CA LYS A 176 20.01 5.00 7.37
C LYS A 176 20.39 3.99 6.28
N GLU A 177 20.95 2.84 6.68
CA GLU A 177 21.52 1.92 5.70
C GLU A 177 20.48 1.38 4.73
N THR A 178 19.21 1.41 5.10
CA THR A 178 18.13 0.93 4.24
C THR A 178 17.17 2.03 3.83
N LEU A 179 16.78 2.92 4.74
CA LEU A 179 15.83 3.97 4.36
C LEU A 179 16.46 5.03 3.47
N GLN A 180 17.76 5.29 3.60
CA GLN A 180 18.42 6.33 2.82
C GLN A 180 19.20 5.77 1.63
N ARG A 181 18.92 4.52 1.26
CA ARG A 181 19.48 3.90 0.08
C ARG A 181 18.59 4.20 -1.12
N THR A 182 19.20 4.18 -2.30
CA THR A 182 18.46 4.03 -3.53
C THR A 182 18.99 2.79 -4.22
N ASP A 183 18.08 1.90 -4.63
CA ASP A 183 18.41 0.73 -5.42
C ASP A 183 17.91 1.04 -6.82
N ALA A 184 18.83 1.18 -7.77
CA ALA A 184 18.45 1.50 -9.13
C ALA A 184 17.83 0.27 -9.80
N PRO A 185 16.84 0.46 -10.66
CA PRO A 185 16.22 -0.69 -11.32
C PRO A 185 17.24 -1.50 -12.12
N LYS A 186 17.09 -2.82 -12.05
CA LYS A 186 17.75 -3.73 -12.96
C LYS A 186 16.78 -3.97 -14.11
N THR A 187 17.18 -3.64 -15.33
CA THR A 187 16.24 -3.55 -16.45
C THR A 187 16.57 -4.60 -17.52
N HIS A 188 15.54 -5.07 -18.23
CA HIS A 188 15.76 -5.94 -19.37
C HIS A 188 14.52 -5.87 -20.26
N MET A 189 14.62 -6.43 -21.45
CA MET A 189 13.50 -6.41 -22.37
C MET A 189 13.22 -7.82 -22.83
N THR A 190 11.94 -8.13 -23.03
CA THR A 190 11.55 -9.39 -23.64
C THR A 190 10.81 -9.10 -24.95
N HIS A 191 10.70 -10.16 -25.76
CA HIS A 191 10.24 -10.03 -27.14
C HIS A 191 9.54 -11.33 -27.51
N HIS A 192 8.25 -11.24 -27.83
CA HIS A 192 7.44 -12.40 -28.16
C HIS A 192 6.54 -12.07 -29.33
N ALA A 193 6.42 -13.01 -30.27
CA ALA A 193 5.67 -12.78 -31.50
C ALA A 193 4.23 -13.20 -31.30
N VAL A 194 3.32 -12.28 -31.63
CA VAL A 194 1.89 -12.56 -31.68
C VAL A 194 1.55 -13.38 -32.93
N SER A 195 2.01 -12.91 -34.09
CA SER A 195 1.69 -13.47 -35.39
C SER A 195 2.89 -13.21 -36.29
N ASP A 196 2.70 -13.32 -37.61
CA ASP A 196 3.71 -12.86 -38.55
C ASP A 196 3.82 -11.35 -38.60
N HIS A 197 2.77 -10.62 -38.20
CA HIS A 197 2.65 -9.19 -38.42
C HIS A 197 3.07 -8.34 -37.25
N GLU A 198 3.02 -8.89 -36.03
CA GLU A 198 3.20 -8.10 -34.80
C GLU A 198 4.02 -8.87 -33.79
N ALA A 199 4.73 -8.11 -32.95
CA ALA A 199 5.41 -8.67 -31.78
C ALA A 199 5.16 -7.76 -30.59
N THR A 200 5.32 -8.31 -29.38
CA THR A 200 5.23 -7.54 -28.15
C THR A 200 6.63 -7.31 -27.61
N LEU A 201 6.94 -6.06 -27.30
CA LEU A 201 8.15 -5.74 -26.53
C LEU A 201 7.71 -5.41 -25.11
N ARG A 202 8.37 -6.01 -24.12
CA ARG A 202 8.04 -5.74 -22.72
C ARG A 202 9.31 -5.27 -22.02
N CYS A 203 9.21 -4.08 -21.43
CA CYS A 203 10.35 -3.40 -20.83
C CYS A 203 10.20 -3.52 -19.32
N TRP A 204 11.20 -4.09 -18.65
CA TRP A 204 11.12 -4.49 -17.26
C TRP A 204 12.02 -3.63 -16.38
N ALA A 205 11.52 -3.27 -15.19
CA ALA A 205 12.32 -2.69 -14.12
C ALA A 205 12.12 -3.53 -12.87
N LEU A 206 13.23 -4.06 -12.33
CA LEU A 206 13.19 -4.94 -11.16
C LEU A 206 14.13 -4.46 -10.06
N SER A 207 13.79 -4.84 -8.83
CA SER A 207 14.68 -4.69 -7.67
C SER A 207 15.00 -3.24 -7.37
N PHE A 208 14.03 -2.34 -7.53
CA PHE A 208 14.31 -0.93 -7.31
C PHE A 208 13.64 -0.43 -6.02
N TYR A 209 14.20 0.63 -5.45
CA TYR A 209 13.71 1.25 -4.21
C TYR A 209 14.20 2.69 -4.27
N PRO A 210 13.33 3.69 -4.01
CA PRO A 210 11.91 3.60 -3.62
C PRO A 210 11.02 3.23 -4.79
N ALA A 211 9.71 3.19 -4.54
CA ALA A 211 8.74 2.65 -5.49
C ALA A 211 8.51 3.57 -6.68
N GLU A 212 8.72 4.88 -6.51
CA GLU A 212 8.49 5.85 -7.59
C GLU A 212 9.36 5.58 -8.81
N ILE A 213 8.71 5.45 -9.97
CA ILE A 213 9.42 5.17 -11.21
C ILE A 213 8.54 5.60 -12.38
N THR A 214 9.17 5.86 -13.52
CA THR A 214 8.44 6.13 -14.75
C THR A 214 9.02 5.28 -15.86
N LEU A 215 8.12 4.56 -16.57
CA LEU A 215 8.44 3.80 -17.77
C LEU A 215 7.60 4.36 -18.91
N THR A 216 8.25 4.78 -19.98
CA THR A 216 7.54 5.34 -21.13
C THR A 216 8.09 4.72 -22.40
N TRP A 217 7.21 4.43 -23.35
CA TRP A 217 7.60 3.98 -24.68
C TRP A 217 7.61 5.16 -25.64
N GLN A 218 8.59 5.20 -26.54
CA GLN A 218 8.59 6.13 -27.65
C GLN A 218 8.79 5.37 -28.96
N ARG A 219 8.19 5.89 -30.02
CA ARG A 219 8.40 5.40 -31.38
C ARG A 219 8.99 6.53 -32.19
N ASP A 220 10.17 6.31 -32.76
CA ASP A 220 10.88 7.35 -33.50
C ASP A 220 11.06 8.60 -32.64
N GLY A 221 11.30 8.41 -31.35
CA GLY A 221 11.56 9.54 -30.48
C GLY A 221 10.34 10.31 -30.04
N GLU A 222 9.14 9.81 -30.33
CA GLU A 222 7.89 10.44 -29.89
C GLU A 222 7.20 9.53 -28.90
N ASP A 223 6.67 10.13 -27.83
CA ASP A 223 5.98 9.34 -26.82
C ASP A 223 4.82 8.59 -27.45
N GLN A 224 4.60 7.36 -26.99
CA GLN A 224 3.59 6.47 -27.54
C GLN A 224 2.77 5.89 -26.40
N THR A 225 1.45 6.05 -26.45
CA THR A 225 0.59 5.37 -25.50
C THR A 225 -0.34 4.36 -26.14
N GLN A 226 -0.70 4.54 -27.41
CA GLN A 226 -1.55 3.57 -28.08
C GLN A 226 -0.86 2.22 -28.14
N ASP A 227 -1.64 1.15 -27.97
CA ASP A 227 -1.16 -0.24 -27.99
C ASP A 227 -0.02 -0.47 -27.00
N THR A 228 -0.03 0.27 -25.88
CA THR A 228 0.87 -0.03 -24.77
C THR A 228 0.08 -0.54 -23.57
N GLU A 229 0.79 -1.17 -22.64
CA GLU A 229 0.22 -1.60 -21.38
C GLU A 229 1.25 -1.33 -20.29
N LEU A 230 0.80 -0.69 -19.22
CA LEU A 230 1.64 -0.39 -18.07
C LEU A 230 0.99 -1.03 -16.86
N VAL A 231 1.74 -1.86 -16.10
CA VAL A 231 1.14 -2.46 -14.92
C VAL A 231 1.45 -1.58 -13.71
N GLU A 232 0.61 -1.70 -12.69
CA GLU A 232 0.86 -0.98 -11.44
C GLU A 232 2.14 -1.48 -10.78
N THR A 233 2.90 -0.55 -10.19
CA THR A 233 4.12 -0.92 -9.46
C THR A 233 3.76 -1.86 -8.33
N ARG A 234 4.54 -2.94 -8.19
CA ARG A 234 4.19 -4.03 -7.30
C ARG A 234 5.38 -4.42 -6.46
N PRO A 235 5.14 -4.88 -5.23
CA PRO A 235 6.26 -5.28 -4.36
C PRO A 235 6.80 -6.65 -4.72
N ALA A 236 8.12 -6.77 -4.71
CA ALA A 236 8.77 -8.06 -4.93
C ALA A 236 8.69 -8.94 -3.69
N GLY A 237 8.47 -8.34 -2.52
CA GLY A 237 8.40 -9.09 -1.28
C GLY A 237 9.65 -9.02 -0.44
N ASP A 238 10.74 -8.49 -1.00
CA ASP A 238 12.02 -8.34 -0.31
C ASP A 238 12.34 -6.88 0.01
N GLY A 239 11.35 -5.99 0.01
CA GLY A 239 11.58 -4.58 0.20
C GLY A 239 11.81 -3.76 -1.07
N THR A 240 11.95 -4.40 -2.23
CA THR A 240 12.09 -3.70 -3.52
C THR A 240 10.81 -3.82 -4.32
N PHE A 241 10.79 -3.14 -5.49
CA PHE A 241 9.60 -3.04 -6.31
C PHE A 241 9.90 -3.43 -7.75
N GLN A 242 8.82 -3.69 -8.49
CA GLN A 242 8.85 -4.15 -9.88
C GLN A 242 7.84 -3.37 -10.71
N LYS A 243 8.12 -3.23 -12.00
CA LYS A 243 7.17 -2.66 -12.95
C LYS A 243 7.55 -3.08 -14.35
N TRP A 244 6.55 -3.18 -15.23
CA TRP A 244 6.86 -3.33 -16.64
C TRP A 244 5.90 -2.52 -17.52
N ALA A 245 6.34 -2.29 -18.75
CA ALA A 245 5.55 -1.61 -19.76
C ALA A 245 5.76 -2.37 -21.05
N SER A 246 4.67 -2.64 -21.78
CA SER A 246 4.76 -3.35 -23.04
C SER A 246 4.20 -2.50 -24.18
N VAL A 247 4.58 -2.87 -25.41
CA VAL A 247 4.06 -2.23 -26.61
C VAL A 247 3.97 -3.30 -27.70
N VAL A 248 2.91 -3.23 -28.51
CA VAL A 248 2.74 -4.11 -29.65
C VAL A 248 3.26 -3.39 -30.88
N VAL A 249 4.19 -4.00 -31.59
CA VAL A 249 4.89 -3.31 -32.69
C VAL A 249 4.78 -4.16 -33.95
N PRO A 250 4.81 -3.54 -35.13
CA PRO A 250 4.87 -4.35 -36.36
C PRO A 250 6.20 -5.08 -36.46
N SER A 251 6.12 -6.36 -36.84
CA SER A 251 7.32 -7.20 -36.97
C SER A 251 8.36 -6.54 -37.85
N GLY A 252 9.61 -6.49 -37.36
CA GLY A 252 10.71 -5.87 -38.07
C GLY A 252 10.87 -4.39 -37.84
N GLN A 253 9.99 -3.76 -37.07
CA GLN A 253 10.10 -2.35 -36.72
C GLN A 253 10.58 -2.16 -35.28
N GLU A 254 11.08 -3.22 -34.65
CA GLU A 254 11.45 -3.17 -33.22
C GLU A 254 12.46 -2.07 -32.94
N GLN A 255 13.40 -1.84 -33.86
CA GLN A 255 14.43 -0.83 -33.65
C GLN A 255 13.88 0.59 -33.57
N ARG A 256 12.62 0.83 -33.99
CA ARG A 256 12.10 2.18 -33.88
C ARG A 256 11.58 2.52 -32.48
N TYR A 257 11.44 1.54 -31.59
CA TYR A 257 10.84 1.77 -30.30
C TYR A 257 11.89 1.84 -29.21
N THR A 258 11.73 2.77 -28.27
CA THR A 258 12.60 2.86 -27.12
C THR A 258 11.78 2.92 -25.85
N CYS A 259 12.27 2.25 -24.81
CA CYS A 259 11.69 2.34 -23.48
C CYS A 259 12.62 3.19 -22.63
N HIS A 260 12.05 4.15 -21.91
CA HIS A 260 12.81 5.12 -21.13
C HIS A 260 12.46 4.94 -19.66
N VAL A 261 13.48 4.79 -18.82
CA VAL A 261 13.29 4.46 -17.41
C VAL A 261 13.82 5.64 -16.59
N GLN A 262 12.96 6.22 -15.76
CA GLN A 262 13.36 7.28 -14.85
C GLN A 262 13.20 6.82 -13.41
N HIS A 263 14.25 6.98 -12.61
CA HIS A 263 14.21 6.56 -11.22
C HIS A 263 15.26 7.36 -10.45
N GLU A 264 14.98 7.62 -9.16
CA GLU A 264 15.87 8.44 -8.34
C GLU A 264 17.27 7.84 -8.25
N GLY A 265 17.38 6.52 -8.32
CA GLY A 265 18.65 5.79 -8.22
C GLY A 265 19.48 5.81 -9.48
N LEU A 266 18.99 6.43 -10.56
CA LEU A 266 19.71 6.52 -11.83
C LEU A 266 20.24 7.93 -12.00
N PRO A 267 21.56 8.14 -12.09
CA PRO A 267 22.07 9.48 -12.44
C PRO A 267 21.43 10.04 -13.71
N LYS A 268 21.35 9.25 -14.77
CA LYS A 268 20.67 9.65 -15.98
C LYS A 268 19.64 8.59 -16.36
N PRO A 269 18.53 8.99 -16.97
CA PRO A 269 17.51 8.00 -17.36
C PRO A 269 18.09 7.01 -18.37
N LEU A 270 17.54 5.79 -18.36
CA LEU A 270 17.97 4.72 -19.22
C LEU A 270 17.09 4.68 -20.47
N THR A 271 17.70 4.32 -21.59
CA THR A 271 16.96 3.99 -22.81
C THR A 271 17.28 2.54 -23.17
N LEU A 272 16.24 1.73 -23.32
CA LEU A 272 16.39 0.35 -23.76
C LEU A 272 15.81 0.21 -25.16
N ARG A 273 16.49 -0.56 -25.99
CA ARG A 273 16.06 -0.81 -27.37
C ARG A 273 16.31 -2.27 -27.70
N TRP A 274 15.37 -2.92 -28.36
CA TRP A 274 15.55 -4.31 -28.78
C TRP A 274 16.38 -4.41 -30.06
N ILE B 1 -17.01 2.88 -2.99
CA ILE B 1 -17.95 2.14 -2.15
C ILE B 1 -17.90 0.64 -2.51
N GLN B 2 -17.73 0.31 -3.78
CA GLN B 2 -17.42 -1.07 -4.18
C GLN B 2 -16.43 -1.02 -5.36
N ARG B 3 -15.24 -1.56 -5.15
CA ARG B 3 -14.19 -1.55 -6.16
C ARG B 3 -13.64 -2.95 -6.34
N THR B 4 -13.53 -3.39 -7.58
CA THR B 4 -13.09 -4.76 -7.81
C THR B 4 -11.55 -4.80 -7.79
N PRO B 5 -10.96 -5.88 -7.27
CA PRO B 5 -9.51 -5.95 -7.16
C PRO B 5 -8.81 -6.03 -8.50
N LYS B 6 -7.68 -5.33 -8.60
CA LYS B 6 -6.67 -5.62 -9.58
C LYS B 6 -5.81 -6.74 -9.04
N ILE B 7 -5.38 -7.66 -9.91
CA ILE B 7 -4.70 -8.88 -9.53
C ILE B 7 -3.46 -9.02 -10.39
N GLN B 8 -2.31 -9.21 -9.77
CA GLN B 8 -1.09 -9.59 -10.48
C GLN B 8 -0.47 -10.80 -9.81
N VAL B 9 -0.11 -11.82 -10.60
CA VAL B 9 0.58 -13.01 -10.12
C VAL B 9 1.93 -13.05 -10.78
N TYR B 10 2.99 -13.23 -9.97
CA TYR B 10 4.33 -13.05 -10.48
C TYR B 10 5.32 -13.64 -9.49
N SER B 11 6.54 -13.84 -9.97
CA SER B 11 7.60 -14.34 -9.12
C SER B 11 8.47 -13.17 -8.68
N ARG B 12 9.10 -13.35 -7.51
CA ARG B 12 10.00 -12.33 -6.99
C ARG B 12 11.16 -12.08 -7.95
N HIS B 13 11.76 -13.16 -8.47
CA HIS B 13 12.82 -13.12 -9.47
C HIS B 13 12.37 -13.83 -10.73
N PRO B 14 12.97 -13.53 -11.88
CA PRO B 14 12.61 -14.26 -13.11
C PRO B 14 12.82 -15.75 -12.93
N ALA B 15 11.81 -16.52 -13.32
CA ALA B 15 11.79 -17.95 -12.99
C ALA B 15 12.92 -18.69 -13.71
N GLU B 16 13.64 -19.52 -12.94
CA GLU B 16 14.54 -20.53 -13.48
C GLU B 16 14.15 -21.87 -12.87
N ASN B 17 13.81 -22.84 -13.72
CA ASN B 17 13.39 -24.15 -13.23
C ASN B 17 14.43 -24.74 -12.30
N GLY B 18 13.97 -25.30 -11.18
CA GLY B 18 14.86 -25.89 -10.21
C GLY B 18 15.53 -24.92 -9.26
N LYS B 19 15.26 -23.62 -9.39
CA LYS B 19 15.86 -22.62 -8.51
C LYS B 19 14.79 -22.02 -7.59
N SER B 20 15.12 -21.91 -6.31
CA SER B 20 14.16 -21.45 -5.32
C SER B 20 13.76 -19.99 -5.56
N ASN B 21 12.50 -19.67 -5.28
CA ASN B 21 11.91 -18.40 -5.69
C ASN B 21 10.75 -18.10 -4.73
N PHE B 22 10.01 -17.02 -5.02
CA PHE B 22 8.81 -16.68 -4.28
C PHE B 22 7.68 -16.39 -5.27
N LEU B 23 6.52 -17.01 -5.06
CA LEU B 23 5.33 -16.74 -5.85
C LEU B 23 4.47 -15.72 -5.14
N ASN B 24 4.14 -14.63 -5.84
CA ASN B 24 3.40 -13.50 -5.27
C ASN B 24 2.05 -13.37 -5.96
N CYS B 25 1.04 -12.99 -5.18
CA CYS B 25 -0.24 -12.54 -5.73
C CYS B 25 -0.56 -11.21 -5.05
N TYR B 26 -0.55 -10.14 -5.84
CA TYR B 26 -0.73 -8.78 -5.33
C TYR B 26 -2.12 -8.32 -5.72
N VAL B 27 -2.96 -8.05 -4.74
CA VAL B 27 -4.30 -7.56 -4.99
C VAL B 27 -4.37 -6.13 -4.48
N SER B 28 -4.98 -5.25 -5.28
CA SER B 28 -4.94 -3.83 -4.99
C SER B 28 -6.19 -3.17 -5.57
N GLY B 29 -6.45 -1.94 -5.15
CA GLY B 29 -7.54 -1.19 -5.76
C GLY B 29 -8.93 -1.63 -5.37
N PHE B 30 -9.08 -2.36 -4.26
CA PHE B 30 -10.37 -2.93 -3.93
C PHE B 30 -11.00 -2.30 -2.69
N HIS B 31 -12.32 -2.48 -2.59
CA HIS B 31 -13.14 -2.00 -1.48
C HIS B 31 -14.46 -2.75 -1.55
N PRO B 32 -14.98 -3.29 -0.44
CA PRO B 32 -14.45 -3.27 0.94
C PRO B 32 -13.24 -4.20 1.13
N SER B 33 -12.68 -4.26 2.34
CA SER B 33 -11.42 -4.97 2.56
C SER B 33 -11.58 -6.48 2.63
N ASP B 34 -12.79 -6.99 2.88
CA ASP B 34 -13.00 -8.43 3.01
C ASP B 34 -12.64 -9.12 1.70
N ILE B 35 -11.69 -10.06 1.75
CA ILE B 35 -11.19 -10.70 0.54
C ILE B 35 -10.53 -12.00 0.93
N GLU B 36 -10.60 -13.00 0.04
CA GLU B 36 -9.86 -14.24 0.19
C GLU B 36 -8.95 -14.37 -1.03
N VAL B 37 -7.69 -14.70 -0.78
CA VAL B 37 -6.69 -14.88 -1.82
C VAL B 37 -6.02 -16.22 -1.55
N ASP B 38 -6.03 -17.10 -2.55
CA ASP B 38 -5.38 -18.40 -2.40
C ASP B 38 -4.42 -18.61 -3.57
N LEU B 39 -3.26 -19.18 -3.28
CA LEU B 39 -2.36 -19.58 -4.34
C LEU B 39 -2.61 -21.06 -4.65
N LEU B 40 -2.64 -21.38 -5.93
CA LEU B 40 -2.97 -22.71 -6.42
C LEU B 40 -1.76 -23.30 -7.13
N LYS B 41 -1.53 -24.59 -6.90
CA LYS B 41 -0.51 -25.34 -7.62
C LYS B 41 -1.25 -26.48 -8.31
N ASN B 42 -1.28 -26.44 -9.64
CA ASN B 42 -2.02 -27.42 -10.44
C ASN B 42 -3.46 -27.56 -9.94
N GLY B 43 -4.11 -26.41 -9.75
CA GLY B 43 -5.48 -26.34 -9.27
C GLY B 43 -5.70 -26.60 -7.79
N GLU B 44 -4.66 -26.97 -7.04
CA GLU B 44 -4.77 -27.34 -5.62
C GLU B 44 -4.29 -26.17 -4.76
N ARG B 45 -5.07 -25.85 -3.71
CA ARG B 45 -4.72 -24.73 -2.84
C ARG B 45 -3.44 -25.02 -2.07
N ILE B 46 -2.49 -24.09 -2.15
CA ILE B 46 -1.23 -24.23 -1.43
C ILE B 46 -1.46 -23.93 0.06
N GLU B 47 -0.90 -24.80 0.90
CA GLU B 47 -1.24 -24.83 2.33
C GLU B 47 -0.64 -23.65 3.09
N LYS B 48 0.65 -23.41 2.95
CA LYS B 48 1.34 -22.39 3.75
C LYS B 48 1.53 -21.18 2.85
N VAL B 49 0.69 -20.17 3.03
CA VAL B 49 0.75 -18.92 2.29
C VAL B 49 0.63 -17.79 3.30
N GLU B 50 1.53 -16.81 3.20
CA GLU B 50 1.55 -15.69 4.11
C GLU B 50 1.02 -14.45 3.39
N HIS B 51 0.67 -13.41 4.15
CA HIS B 51 0.24 -12.19 3.50
C HIS B 51 0.69 -10.99 4.30
N SER B 52 0.72 -9.84 3.64
CA SER B 52 1.10 -8.59 4.28
C SER B 52 -0.06 -8.06 5.13
N ASP B 53 0.26 -7.08 5.98
CA ASP B 53 -0.74 -6.42 6.82
C ASP B 53 -1.58 -5.46 5.97
N LEU B 54 -2.90 -5.47 6.20
CA LEU B 54 -3.82 -4.65 5.41
C LEU B 54 -3.43 -3.17 5.46
N SER B 55 -3.32 -2.58 4.27
CA SER B 55 -3.02 -1.16 4.10
C SER B 55 -3.84 -0.66 2.92
N PHE B 56 -3.75 0.65 2.66
CA PHE B 56 -4.53 1.23 1.58
C PHE B 56 -3.78 2.42 0.99
N SER B 57 -4.18 2.80 -0.23
CA SER B 57 -3.53 3.88 -0.95
C SER B 57 -4.25 5.20 -0.70
N LYS B 58 -3.73 6.27 -1.32
CA LYS B 58 -4.28 7.63 -1.16
C LYS B 58 -5.78 7.65 -1.41
N ASP B 59 -6.24 6.92 -2.43
CA ASP B 59 -7.64 6.93 -2.85
C ASP B 59 -8.54 6.03 -2.00
N TRP B 60 -8.03 5.47 -0.91
CA TRP B 60 -8.69 4.62 0.08
C TRP B 60 -8.83 3.17 -0.37
N SER B 61 -8.35 2.80 -1.56
CA SER B 61 -8.42 1.40 -1.98
C SER B 61 -7.41 0.54 -1.21
N PHE B 62 -7.83 -0.66 -0.84
CA PHE B 62 -6.96 -1.55 -0.08
C PHE B 62 -5.99 -2.29 -0.99
N TYR B 63 -4.87 -2.75 -0.40
CA TYR B 63 -3.96 -3.64 -1.11
C TYR B 63 -3.32 -4.64 -0.15
N LEU B 64 -3.01 -5.81 -0.70
CA LEU B 64 -2.40 -6.91 0.06
C LEU B 64 -1.48 -7.72 -0.86
N LEU B 65 -0.40 -8.26 -0.28
CA LEU B 65 0.49 -9.19 -0.99
C LEU B 65 0.38 -10.54 -0.31
N TYR B 66 0.05 -11.57 -1.09
CA TYR B 66 0.10 -12.96 -0.64
C TYR B 66 1.30 -13.64 -1.29
N TYR B 67 2.01 -14.46 -0.55
CA TYR B 67 3.26 -14.99 -1.10
C TYR B 67 3.61 -16.32 -0.46
N THR B 68 4.35 -17.13 -1.21
CA THR B 68 4.87 -18.40 -0.73
C THR B 68 6.18 -18.71 -1.45
N GLU B 69 7.09 -19.33 -0.73
CA GLU B 69 8.32 -19.78 -1.38
C GLU B 69 8.00 -20.98 -2.26
N PHE B 70 8.64 -21.06 -3.42
CA PHE B 70 8.39 -22.20 -4.29
C PHE B 70 9.58 -22.39 -5.20
N THR B 71 9.63 -23.57 -5.82
CA THR B 71 10.67 -23.87 -6.79
C THR B 71 10.00 -24.25 -8.11
N PRO B 72 10.04 -23.36 -9.11
CA PRO B 72 9.34 -23.64 -10.38
C PRO B 72 9.91 -24.86 -11.08
N THR B 73 9.04 -25.54 -11.83
CA THR B 73 9.44 -26.62 -12.70
C THR B 73 8.75 -26.44 -14.05
N GLU B 74 9.21 -27.22 -15.03
CA GLU B 74 8.60 -27.19 -16.35
C GLU B 74 7.12 -27.54 -16.27
N LYS B 75 6.77 -28.47 -15.38
CA LYS B 75 5.45 -29.10 -15.35
C LYS B 75 4.40 -28.30 -14.59
N ASP B 76 4.79 -27.67 -13.47
CA ASP B 76 3.83 -27.15 -12.52
C ASP B 76 3.21 -25.84 -13.01
N GLU B 77 1.88 -25.75 -12.96
CA GLU B 77 1.17 -24.53 -13.25
C GLU B 77 0.69 -23.89 -11.96
N TYR B 78 0.86 -22.58 -11.86
CA TYR B 78 0.47 -21.86 -10.66
C TYR B 78 -0.55 -20.79 -11.05
N ALA B 79 -1.38 -20.44 -10.08
CA ALA B 79 -2.39 -19.41 -10.29
C ALA B 79 -2.76 -18.79 -8.95
N CYS B 80 -3.50 -17.70 -9.03
CA CYS B 80 -4.01 -17.03 -7.84
C CYS B 80 -5.52 -16.97 -7.95
N ARG B 81 -6.22 -17.36 -6.88
CA ARG B 81 -7.68 -17.36 -6.86
C ARG B 81 -8.17 -16.28 -5.90
N VAL B 82 -8.94 -15.31 -6.40
CA VAL B 82 -9.35 -14.15 -5.63
C VAL B 82 -10.88 -14.16 -5.49
N ASN B 83 -11.34 -14.14 -4.24
CA ASN B 83 -12.76 -14.17 -3.89
C ASN B 83 -13.10 -12.82 -3.25
N HIS B 84 -14.01 -12.07 -3.88
CA HIS B 84 -14.41 -10.74 -3.43
C HIS B 84 -15.87 -10.51 -3.78
N VAL B 85 -16.54 -9.68 -2.97
CA VAL B 85 -17.97 -9.41 -3.13
C VAL B 85 -18.30 -8.91 -4.53
N THR B 86 -17.38 -8.21 -5.18
CA THR B 86 -17.61 -7.67 -6.51
C THR B 86 -17.58 -8.72 -7.61
N LEU B 87 -17.20 -9.96 -7.30
CA LEU B 87 -16.97 -11.00 -8.29
C LEU B 87 -18.00 -12.11 -8.11
N SER B 88 -18.78 -12.40 -9.18
CA SER B 88 -19.82 -13.43 -9.08
C SER B 88 -19.23 -14.82 -8.87
N GLN B 89 -18.07 -15.06 -9.46
CA GLN B 89 -17.29 -16.25 -9.15
C GLN B 89 -15.86 -15.80 -8.90
N PRO B 90 -15.11 -16.54 -8.09
CA PRO B 90 -13.71 -16.16 -7.85
C PRO B 90 -12.96 -16.03 -9.16
N LYS B 91 -12.07 -15.04 -9.22
CA LYS B 91 -11.23 -14.82 -10.41
C LYS B 91 -9.94 -15.59 -10.25
N ILE B 92 -9.62 -16.42 -11.23
CA ILE B 92 -8.40 -17.23 -11.21
C ILE B 92 -7.47 -16.67 -12.28
N VAL B 93 -6.30 -16.18 -11.86
CA VAL B 93 -5.31 -15.58 -12.75
C VAL B 93 -4.12 -16.52 -12.78
N LYS B 94 -3.75 -17.00 -13.98
CA LYS B 94 -2.62 -17.90 -14.11
C LYS B 94 -1.30 -17.14 -14.08
N TRP B 95 -0.29 -17.79 -13.51
CA TRP B 95 1.06 -17.24 -13.54
C TRP B 95 1.67 -17.39 -14.94
N ASP B 96 2.13 -16.27 -15.48
CA ASP B 96 2.88 -16.21 -16.73
C ASP B 96 4.28 -15.71 -16.36
N ARG B 97 5.32 -16.50 -16.70
CA ARG B 97 6.68 -16.18 -16.28
C ARG B 97 7.17 -14.85 -16.81
N ASP B 98 6.55 -14.31 -17.85
CA ASP B 98 6.95 -13.03 -18.38
C ASP B 98 5.88 -11.95 -18.20
N MET B 99 5.08 -12.05 -17.13
CA MET B 99 4.32 -10.88 -16.69
C MET B 99 4.31 -10.70 -15.16
N GLU C 1 6.15 6.73 15.45
CA GLU C 1 5.57 7.06 16.77
C GLU C 1 4.12 7.54 16.58
N VAL C 2 3.16 6.81 17.17
CA VAL C 2 1.76 7.14 16.87
C VAL C 2 1.36 8.44 17.57
N PHE C 3 0.27 9.03 17.06
CA PHE C 3 -0.36 10.18 17.69
C PHE C 3 -0.64 9.93 19.17
N ASN C 4 -0.32 10.92 20.01
CA ASN C 4 -0.54 10.85 21.46
C ASN C 4 -1.75 11.73 21.78
N ALA C 5 -2.92 11.12 21.89
CA ALA C 5 -4.15 11.87 22.04
C ALA C 5 -4.52 12.07 23.51
N THR C 6 -5.24 13.16 23.77
CA THR C 6 -6.08 13.25 24.95
C THR C 6 -6.99 12.02 25.00
N ARG C 7 -7.42 11.62 26.20
CA ARG C 7 -8.32 10.49 26.34
C ARG C 7 -9.53 10.61 25.39
N PHE C 8 -10.07 11.82 25.21
CA PHE C 8 -11.30 12.00 24.47
C PHE C 8 -11.11 12.62 23.08
N ALA C 9 -9.91 12.55 22.52
CA ALA C 9 -9.68 13.08 21.18
C ALA C 9 -10.27 12.17 20.10
N SER C 10 -10.63 12.78 18.97
CA SER C 10 -11.02 12.10 17.74
C SER C 10 -12.36 11.36 17.85
N VAL C 11 -13.22 11.75 18.78
CA VAL C 11 -14.57 11.19 18.86
C VAL C 11 -15.46 11.90 17.84
N TYR C 12 -16.17 11.12 17.01
CA TYR C 12 -17.06 11.70 15.99
C TYR C 12 -18.36 12.24 16.57
#